data_6JOI
#
_entry.id   6JOI
#
_cell.length_a   52.757
_cell.length_b   73.992
_cell.length_c   103.706
_cell.angle_alpha   90.00
_cell.angle_beta   90.00
_cell.angle_gamma   90.00
#
_symmetry.space_group_name_H-M   'P 21 21 21'
#
loop_
_entity.id
_entity.type
_entity.pdbx_description
1 polymer 'Platelet-derived growth factor receptor alpha'
2 non-polymer 1-(2-{5-[(3-Methyloxetan-3-yl)methoxy]-1H-benzimidazol-1-yl}quinolin-8-yl)piperidin-4-amine
3 water water
#
_entity_poly.entity_id   1
_entity_poly.type   'polypeptide(L)'
_entity_poly.pdbx_seq_one_letter_code
;HHHHHHDYDIPTTENLYFQGAMDKQKPRYEIRWRVIESISPDGHEYIYVDPMQLPYDSRWEFPRDGLVLGRVLGSGAFGK
VVEGTAYGLSRSQPVMKVAVKMLKPTARSSEKQALMSELKIMTHLGPHLNIVNLLGACTKSGPIYIIIEYCFYGDLVNYL
HKNRDSFLSHKKKSMLDSEVKNLLSDDNSEGLTLLDLLSFTYQVARGMEFLASKNCVHRDLAARNVLLAQGKIVKICDFG
LARDIMHDSNYVSKGSTFLPVKWMAPESIFDNLYTTLSDVWSYGILLWEIFSLGGTPYPGMMVDSTFYNKIKSGYRMAKP
DHATSEVYEIMVKCWNSEPEKRPSFYHLSEIVENLLPGQYKKSYEKIHLDFLKSD
;
_entity_poly.pdbx_strand_id   A
#
loop_
_chem_comp.id
_chem_comp.type
_chem_comp.name
_chem_comp.formula
6T2 non-polymer 1-(2-{5-[(3-Methyloxetan-3-yl)methoxy]-1H-benzimidazol-1-yl}quinolin-8-yl)piperidin-4-amine 'C26 H29 N5 O2'
#
# COMPACT_ATOMS: atom_id res chain seq x y z
N GLY A 43 -18.21 -15.97 26.75
CA GLY A 43 -17.71 -15.23 25.61
C GLY A 43 -18.46 -15.55 24.31
N HIS A 44 -19.55 -16.30 24.44
CA HIS A 44 -20.45 -16.53 23.33
C HIS A 44 -20.94 -15.15 22.96
N GLU A 45 -20.75 -14.25 23.90
CA GLU A 45 -21.17 -12.86 23.87
C GLU A 45 -20.39 -11.91 22.99
N TYR A 46 -19.08 -12.06 22.98
CA TYR A 46 -18.24 -11.18 22.20
C TYR A 46 -17.98 -11.89 20.91
N ILE A 47 -18.30 -11.23 19.81
CA ILE A 47 -18.23 -11.87 18.51
C ILE A 47 -17.42 -10.97 17.60
N TYR A 48 -16.86 -11.53 16.54
CA TYR A 48 -16.01 -10.74 15.68
C TYR A 48 -16.84 -10.08 14.60
N VAL A 49 -16.84 -8.76 14.59
CA VAL A 49 -17.58 -8.00 13.59
C VAL A 49 -16.89 -8.02 12.24
N ASP A 50 -17.41 -8.84 11.34
CA ASP A 50 -16.81 -9.07 10.03
C ASP A 50 -17.29 -8.02 9.06
N PRO A 51 -16.44 -7.14 8.60
CA PRO A 51 -16.98 -5.99 7.87
C PRO A 51 -17.80 -6.43 6.68
N MET A 52 -17.38 -7.48 6.00
CA MET A 52 -18.06 -7.87 4.79
C MET A 52 -19.51 -8.28 4.95
N GLN A 53 -19.99 -8.42 6.18
CA GLN A 53 -21.41 -8.68 6.39
C GLN A 53 -22.25 -7.44 6.64
N LEU A 54 -21.63 -6.41 7.18
CA LEU A 54 -22.31 -5.17 7.47
C LEU A 54 -22.85 -4.52 6.22
N PRO A 55 -24.05 -3.99 6.28
CA PRO A 55 -24.69 -3.48 5.08
C PRO A 55 -23.91 -2.34 4.43
N TYR A 56 -23.83 -2.38 3.11
CA TYR A 56 -23.25 -1.32 2.32
C TYR A 56 -23.81 0.03 2.72
N ASP A 57 -22.97 1.05 2.68
CA ASP A 57 -23.42 2.40 2.97
C ASP A 57 -23.56 3.13 1.65
N SER A 58 -24.76 3.58 1.36
CA SER A 58 -25.08 4.17 0.07
C SER A 58 -24.75 5.64 0.07
N ARG A 59 -24.19 6.11 1.17
CA ARG A 59 -23.73 7.48 1.27
C ARG A 59 -22.62 7.65 0.26
N TRP A 60 -21.91 6.56 0.06
CA TRP A 60 -20.88 6.41 -0.95
C TRP A 60 -21.36 6.47 -2.39
N GLU A 61 -22.54 5.93 -2.67
CA GLU A 61 -22.95 5.68 -4.04
C GLU A 61 -22.95 6.95 -4.86
N PHE A 62 -22.43 6.86 -6.07
CA PHE A 62 -22.23 8.01 -6.94
C PHE A 62 -22.84 7.76 -8.32
N PRO A 63 -23.40 8.78 -8.94
CA PRO A 63 -24.06 8.60 -10.24
C PRO A 63 -23.12 8.21 -11.36
N ARG A 64 -23.59 7.37 -12.26
CA ARG A 64 -22.78 6.89 -13.38
C ARG A 64 -22.73 7.89 -14.55
N ASP A 65 -23.70 8.79 -14.66
CA ASP A 65 -23.59 9.95 -15.53
C ASP A 65 -22.81 11.09 -14.89
N GLY A 66 -22.24 10.87 -13.71
CA GLY A 66 -21.33 11.78 -13.06
C GLY A 66 -19.88 11.39 -13.25
N LEU A 67 -19.68 10.21 -13.82
CA LEU A 67 -18.36 9.58 -13.92
C LEU A 67 -17.90 9.19 -15.32
N VAL A 68 -16.69 9.58 -15.69
CA VAL A 68 -16.14 9.29 -17.00
C VAL A 68 -14.95 8.38 -16.89
N LEU A 69 -14.95 7.29 -17.64
CA LEU A 69 -13.83 6.37 -17.68
C LEU A 69 -12.72 6.85 -18.59
N GLY A 70 -11.55 6.23 -18.48
CA GLY A 70 -10.34 6.75 -19.06
C GLY A 70 -9.35 5.67 -19.45
N ARG A 71 -8.12 6.07 -19.74
CA ARG A 71 -7.09 5.11 -20.09
C ARG A 71 -6.82 4.17 -18.95
N VAL A 72 -6.59 2.90 -19.24
CA VAL A 72 -6.30 1.92 -18.22
C VAL A 72 -5.01 2.28 -17.53
N LEU A 73 -4.97 2.13 -16.21
CA LEU A 73 -3.76 2.35 -15.45
C LEU A 73 -3.03 1.07 -15.10
N GLY A 74 -3.76 0.07 -14.65
CA GLY A 74 -3.15 -1.20 -14.29
C GLY A 74 -4.10 -2.33 -14.51
N SER A 75 -3.58 -3.51 -14.83
CA SER A 75 -4.43 -4.67 -15.03
C SER A 75 -4.07 -5.82 -14.09
N GLY A 76 -5.08 -6.31 -13.37
CA GLY A 76 -4.93 -7.41 -12.44
C GLY A 76 -5.22 -8.67 -13.20
N ALA A 77 -5.12 -9.83 -12.55
CA ALA A 77 -5.42 -11.08 -13.25
C ALA A 77 -6.86 -10.95 -13.68
N PHE A 78 -7.65 -10.46 -12.73
CA PHE A 78 -9.05 -10.16 -12.91
C PHE A 78 -9.07 -8.81 -12.17
N GLY A 79 -9.83 -7.85 -12.67
CA GLY A 79 -9.85 -6.54 -12.06
C GLY A 79 -8.93 -5.67 -12.88
N LYS A 80 -9.24 -4.38 -12.94
CA LYS A 80 -8.47 -3.45 -13.73
C LYS A 80 -8.66 -2.05 -13.16
N VAL A 81 -7.80 -1.11 -13.50
CA VAL A 81 -8.02 0.22 -12.94
C VAL A 81 -8.04 1.19 -14.10
N VAL A 82 -8.58 2.37 -13.89
CA VAL A 82 -8.65 3.28 -15.00
C VAL A 82 -8.56 4.71 -14.55
N GLU A 83 -8.09 5.58 -15.44
CA GLU A 83 -8.02 6.97 -15.11
C GLU A 83 -9.47 7.35 -15.13
N GLY A 84 -9.85 8.37 -14.39
CA GLY A 84 -11.23 8.78 -14.37
C GLY A 84 -11.44 10.24 -14.09
N THR A 85 -12.62 10.72 -14.44
CA THR A 85 -12.96 12.10 -14.19
C THR A 85 -14.36 12.04 -13.59
N ALA A 86 -14.56 12.70 -12.47
CA ALA A 86 -15.84 12.65 -11.83
C ALA A 86 -16.36 14.04 -11.67
N TYR A 87 -17.62 14.23 -12.03
CA TYR A 87 -18.21 15.55 -11.92
C TYR A 87 -19.15 15.58 -10.75
N GLY A 88 -18.90 16.50 -9.83
CA GLY A 88 -19.74 16.68 -8.66
C GLY A 88 -19.46 15.74 -7.52
N LEU A 89 -18.45 14.91 -7.68
CA LEU A 89 -18.10 13.97 -6.64
C LEU A 89 -17.67 14.67 -5.37
N SER A 90 -16.94 15.77 -5.52
CA SER A 90 -16.45 16.47 -4.36
C SER A 90 -16.82 17.93 -4.26
N ARG A 91 -17.00 18.39 -3.02
CA ARG A 91 -17.28 19.78 -2.74
C ARG A 91 -16.00 20.55 -3.00
N SER A 92 -14.88 19.99 -2.56
CA SER A 92 -13.59 20.63 -2.72
C SER A 92 -13.21 20.80 -4.18
N GLN A 93 -13.42 19.76 -4.99
CA GLN A 93 -13.20 19.86 -6.41
C GLN A 93 -14.45 19.48 -7.17
N PRO A 94 -15.01 20.41 -7.90
CA PRO A 94 -16.21 20.15 -8.71
C PRO A 94 -15.94 19.10 -9.78
N VAL A 95 -14.78 19.22 -10.41
CA VAL A 95 -14.29 18.21 -11.34
C VAL A 95 -12.93 17.74 -10.90
N MET A 96 -12.79 16.42 -10.72
CA MET A 96 -11.58 15.87 -10.16
C MET A 96 -11.17 14.56 -10.81
N LYS A 97 -9.89 14.24 -10.67
CA LYS A 97 -9.27 13.14 -11.41
C LYS A 97 -9.10 11.95 -10.48
N VAL A 98 -9.72 10.84 -10.84
CA VAL A 98 -9.83 9.70 -9.97
C VAL A 98 -9.16 8.51 -10.66
N ALA A 99 -9.28 7.36 -10.02
CA ALA A 99 -9.08 6.08 -10.66
C ALA A 99 -10.20 5.18 -10.21
N VAL A 100 -10.59 4.27 -11.09
CA VAL A 100 -11.70 3.39 -10.83
C VAL A 100 -11.29 1.95 -10.95
N LYS A 101 -11.77 1.12 -10.03
CA LYS A 101 -11.44 -0.26 -10.06
C LYS A 101 -12.68 -0.97 -10.55
N MET A 102 -12.51 -1.80 -11.56
CA MET A 102 -13.62 -2.54 -12.14
C MET A 102 -13.16 -3.92 -12.53
N LEU A 103 -14.10 -4.85 -12.56
CA LEU A 103 -13.79 -6.21 -12.93
C LEU A 103 -13.53 -6.25 -14.41
N LYS A 104 -12.77 -7.24 -14.84
CA LYS A 104 -12.48 -7.37 -16.24
C LYS A 104 -13.75 -7.86 -16.89
N PRO A 105 -13.80 -7.77 -18.27
CA PRO A 105 -15.08 -8.21 -18.86
C PRO A 105 -15.42 -9.64 -18.50
N THR A 106 -14.42 -10.50 -18.41
CA THR A 106 -14.68 -11.89 -18.07
C THR A 106 -14.81 -11.94 -16.55
N ALA A 107 -16.01 -11.63 -16.07
CA ALA A 107 -16.22 -11.61 -14.64
C ALA A 107 -17.23 -12.64 -14.23
N ARG A 108 -16.77 -13.63 -13.47
CA ARG A 108 -17.64 -14.65 -12.93
C ARG A 108 -18.34 -13.88 -11.83
N SER A 109 -19.48 -14.38 -11.36
CA SER A 109 -20.23 -13.72 -10.32
C SER A 109 -19.38 -13.65 -9.07
N SER A 110 -18.62 -14.70 -8.83
CA SER A 110 -17.89 -14.82 -7.60
C SER A 110 -16.96 -13.62 -7.51
N GLU A 111 -16.41 -13.26 -8.65
CA GLU A 111 -15.50 -12.14 -8.75
C GLU A 111 -16.22 -10.87 -8.34
N LYS A 112 -17.51 -10.81 -8.70
CA LYS A 112 -18.38 -9.67 -8.45
C LYS A 112 -18.53 -9.38 -6.97
N GLN A 113 -18.72 -10.40 -6.18
CA GLN A 113 -18.81 -10.21 -4.75
C GLN A 113 -17.46 -9.78 -4.20
N ALA A 114 -16.37 -10.26 -4.76
CA ALA A 114 -15.10 -9.87 -4.22
C ALA A 114 -14.95 -8.37 -4.24
N LEU A 115 -15.40 -7.74 -5.30
CA LEU A 115 -15.29 -6.29 -5.38
C LEU A 115 -16.12 -5.60 -4.31
N MET A 116 -17.32 -6.07 -4.07
CA MET A 116 -18.19 -5.46 -3.06
C MET A 116 -17.57 -5.61 -1.69
N SER A 117 -16.98 -6.76 -1.43
CA SER A 117 -16.37 -7.02 -0.15
C SER A 117 -15.23 -6.05 0.08
N GLU A 118 -14.46 -5.79 -0.97
CA GLU A 118 -13.37 -4.86 -0.86
C GLU A 118 -13.93 -3.50 -0.54
N LEU A 119 -15.03 -3.15 -1.17
CA LEU A 119 -15.65 -1.86 -0.91
C LEU A 119 -16.08 -1.80 0.54
N LYS A 120 -16.69 -2.88 1.03
CA LYS A 120 -17.11 -2.91 2.42
C LYS A 120 -15.95 -2.86 3.37
N ILE A 121 -14.87 -3.56 3.02
CA ILE A 121 -13.65 -3.50 3.81
C ILE A 121 -13.05 -2.09 3.78
N MET A 122 -13.10 -1.44 2.63
CA MET A 122 -12.60 -0.08 2.53
C MET A 122 -13.36 0.91 3.40
N THR A 123 -14.68 0.85 3.35
CA THR A 123 -15.51 1.78 4.10
C THR A 123 -15.26 1.59 5.57
N HIS A 124 -15.14 0.34 5.99
CA HIS A 124 -14.92 0.02 7.39
C HIS A 124 -13.60 0.54 7.92
N LEU A 125 -12.56 0.48 7.10
CA LEU A 125 -11.24 0.93 7.49
C LEU A 125 -11.17 2.39 7.84
N GLY A 126 -11.92 3.20 7.15
CA GLY A 126 -11.89 4.63 7.40
C GLY A 126 -10.87 5.21 6.49
N PRO A 127 -10.58 6.49 6.60
CA PRO A 127 -9.63 7.10 5.71
C PRO A 127 -8.36 7.46 6.41
N HIS A 128 -7.25 7.35 5.69
CA HIS A 128 -5.98 7.74 6.24
C HIS A 128 -5.23 8.40 5.13
N LEU A 129 -4.29 9.27 5.48
CA LEU A 129 -3.51 10.01 4.50
C LEU A 129 -2.62 9.18 3.61
N ASN A 130 -2.05 8.11 4.15
CA ASN A 130 -1.12 7.30 3.38
C ASN A 130 -1.59 6.06 2.64
N ILE A 131 -2.90 5.90 2.51
CA ILE A 131 -3.46 4.79 1.75
C ILE A 131 -4.30 5.41 0.65
N VAL A 132 -4.60 4.69 -0.41
CA VAL A 132 -5.39 5.29 -1.45
C VAL A 132 -6.82 5.16 -0.96
N ASN A 133 -7.42 6.31 -0.65
CA ASN A 133 -8.77 6.34 -0.12
C ASN A 133 -9.90 6.16 -1.10
N LEU A 134 -11.03 5.73 -0.56
CA LEU A 134 -12.23 5.50 -1.34
C LEU A 134 -12.97 6.82 -1.48
N LEU A 135 -13.36 7.16 -2.70
CA LEU A 135 -14.08 8.40 -2.91
C LEU A 135 -15.57 8.17 -3.13
N GLY A 136 -15.91 7.14 -3.88
CA GLY A 136 -17.29 6.80 -4.18
C GLY A 136 -17.38 5.44 -4.85
N ALA A 137 -18.59 4.95 -5.04
CA ALA A 137 -18.77 3.68 -5.72
C ALA A 137 -20.08 3.64 -6.46
N CYS A 138 -20.17 2.86 -7.52
CA CYS A 138 -21.41 2.71 -8.27
C CYS A 138 -21.85 1.28 -8.08
N THR A 139 -22.92 1.08 -7.35
CA THR A 139 -23.37 -0.27 -7.08
C THR A 139 -24.75 -0.69 -7.56
N LYS A 140 -25.42 0.13 -8.36
CA LYS A 140 -26.76 -0.25 -8.81
C LYS A 140 -26.92 -0.21 -10.30
N SER A 141 -27.73 -1.11 -10.81
CA SER A 141 -28.04 -1.15 -12.23
C SER A 141 -26.84 -1.25 -13.16
N GLY A 142 -25.86 -2.06 -12.80
CA GLY A 142 -24.71 -2.20 -13.66
C GLY A 142 -23.54 -2.85 -12.99
N PRO A 143 -22.37 -2.80 -13.73
CA PRO A 143 -21.21 -3.42 -13.06
C PRO A 143 -20.73 -2.52 -11.96
N ILE A 144 -20.04 -3.07 -10.98
CA ILE A 144 -19.52 -2.29 -9.87
C ILE A 144 -18.25 -1.51 -10.21
N TYR A 145 -18.17 -0.29 -9.71
CA TYR A 145 -17.01 0.56 -9.89
C TYR A 145 -16.66 1.12 -8.53
N ILE A 146 -15.40 1.14 -8.17
CA ILE A 146 -15.01 1.73 -6.91
C ILE A 146 -14.16 2.90 -7.31
N ILE A 147 -14.48 4.09 -6.82
CA ILE A 147 -13.70 5.26 -7.20
C ILE A 147 -12.66 5.52 -6.14
N ILE A 148 -11.42 5.55 -6.56
CA ILE A 148 -10.29 5.71 -5.68
C ILE A 148 -9.49 6.92 -6.04
N GLU A 149 -8.70 7.36 -5.08
CA GLU A 149 -7.88 8.54 -5.24
C GLU A 149 -6.91 8.29 -6.35
N TYR A 150 -6.50 9.37 -7.01
CA TYR A 150 -5.55 9.26 -8.10
C TYR A 150 -4.23 9.88 -7.72
N CYS A 151 -3.16 9.14 -7.93
CA CYS A 151 -1.83 9.58 -7.58
C CYS A 151 -1.10 9.81 -8.87
N PHE A 152 -0.67 11.05 -9.06
CA PHE A 152 -0.03 11.48 -10.28
C PHE A 152 1.25 10.76 -10.67
N TYR A 153 2.16 10.59 -9.72
CA TYR A 153 3.41 9.91 -10.03
C TYR A 153 3.33 8.42 -10.34
N GLY A 154 2.48 7.69 -9.64
CA GLY A 154 2.40 6.26 -9.88
C GLY A 154 3.14 5.45 -8.84
N ASP A 155 3.28 4.16 -9.11
CA ASP A 155 3.94 3.25 -8.19
C ASP A 155 5.38 3.60 -7.98
N LEU A 156 5.85 3.41 -6.76
CA LEU A 156 7.20 3.83 -6.39
C LEU A 156 8.26 3.19 -7.30
N VAL A 157 8.01 2.01 -7.83
CA VAL A 157 9.03 1.40 -8.65
C VAL A 157 9.37 2.20 -9.90
N ASN A 158 8.36 2.65 -10.62
CA ASN A 158 8.59 3.43 -11.82
C ASN A 158 9.14 4.79 -11.54
N TYR A 159 8.68 5.42 -10.48
CA TYR A 159 9.16 6.73 -10.12
C TYR A 159 10.62 6.66 -9.78
N LEU A 160 11.01 5.65 -9.02
CA LEU A 160 12.40 5.51 -8.64
C LEU A 160 13.30 5.29 -9.83
N HIS A 161 12.86 4.47 -10.77
CA HIS A 161 13.65 4.21 -11.95
C HIS A 161 13.85 5.46 -12.75
N LYS A 162 12.83 6.30 -12.79
CA LYS A 162 12.88 7.55 -13.54
C LYS A 162 13.91 8.53 -13.04
N ASN A 163 14.06 8.63 -11.74
CA ASN A 163 14.99 9.58 -11.16
C ASN A 163 16.29 8.98 -10.66
N ARG A 164 16.60 7.79 -11.13
CA ARG A 164 17.81 7.14 -10.70
C ARG A 164 18.97 8.04 -11.08
N ASP A 165 18.95 8.53 -12.30
CA ASP A 165 19.99 9.41 -12.81
C ASP A 165 20.03 10.73 -12.09
N SER A 166 18.85 11.25 -11.79
CA SER A 166 18.70 12.53 -11.14
C SER A 166 19.14 12.46 -9.69
N PHE A 167 19.42 11.25 -9.21
CA PHE A 167 19.83 11.11 -7.83
C PHE A 167 21.28 11.52 -7.77
N LEU A 168 21.48 12.84 -7.82
CA LEU A 168 22.80 13.43 -7.77
C LEU A 168 23.63 13.03 -8.97
N GLY A 191 16.38 17.30 -8.26
CA GLY A 191 16.88 15.94 -8.26
C GLY A 191 16.36 15.15 -7.07
N LEU A 192 16.19 13.85 -7.26
CA LEU A 192 15.78 13.00 -6.14
C LEU A 192 16.91 12.92 -5.12
N THR A 193 16.56 13.06 -3.83
CA THR A 193 17.54 13.15 -2.75
C THR A 193 17.27 12.10 -1.68
N LEU A 194 18.25 11.92 -0.79
CA LEU A 194 18.15 10.95 0.28
C LEU A 194 16.96 11.25 1.19
N LEU A 195 16.70 12.52 1.44
CA LEU A 195 15.57 12.91 2.27
C LEU A 195 14.31 12.42 1.60
N ASP A 196 14.29 12.46 0.28
CA ASP A 196 13.13 12.02 -0.46
C ASP A 196 12.87 10.57 -0.12
N LEU A 197 13.93 9.78 -0.09
CA LEU A 197 13.82 8.36 0.21
C LEU A 197 13.31 8.17 1.62
N LEU A 198 13.83 8.98 2.52
CA LEU A 198 13.45 8.97 3.91
C LEU A 198 12.01 9.40 4.10
N SER A 199 11.57 10.35 3.29
CA SER A 199 10.20 10.79 3.39
C SER A 199 9.28 9.64 3.06
N PHE A 200 9.57 8.90 2.00
CA PHE A 200 8.72 7.79 1.60
C PHE A 200 8.70 6.71 2.64
N THR A 201 9.89 6.35 3.09
CA THR A 201 10.03 5.34 4.13
C THR A 201 9.22 5.69 5.37
N TYR A 202 9.19 6.97 5.73
CA TYR A 202 8.40 7.35 6.90
C TYR A 202 6.91 7.20 6.65
N GLN A 203 6.44 7.53 5.43
CA GLN A 203 5.00 7.49 5.17
C GLN A 203 4.52 6.07 4.87
N VAL A 204 5.42 5.20 4.41
CA VAL A 204 5.04 3.80 4.33
C VAL A 204 4.85 3.23 5.73
N ALA A 205 5.66 3.68 6.66
CA ALA A 205 5.53 3.24 8.03
C ALA A 205 4.26 3.76 8.67
N ARG A 206 3.97 5.03 8.43
CA ARG A 206 2.78 5.62 8.99
C ARG A 206 1.52 5.01 8.45
N GLY A 207 1.51 4.73 7.16
CA GLY A 207 0.34 4.14 6.56
C GLY A 207 0.07 2.78 7.12
N MET A 208 1.12 1.98 7.26
CA MET A 208 0.97 0.64 7.79
C MET A 208 0.55 0.66 9.24
N GLU A 209 1.17 1.53 10.04
CA GLU A 209 0.78 1.66 11.43
C GLU A 209 -0.71 1.95 11.56
N PHE A 210 -1.28 2.66 10.58
CA PHE A 210 -2.72 2.83 10.52
C PHE A 210 -3.42 1.53 10.16
N LEU A 211 -2.89 0.82 9.18
CA LEU A 211 -3.51 -0.41 8.72
C LEU A 211 -3.55 -1.51 9.76
N ALA A 212 -2.45 -1.69 10.47
CA ALA A 212 -2.36 -2.67 11.53
C ALA A 212 -3.33 -2.34 12.63
N SER A 213 -3.48 -1.05 12.85
CA SER A 213 -4.35 -0.51 13.88
C SER A 213 -5.75 -0.99 13.66
N LYS A 214 -6.13 -1.12 12.40
CA LYS A 214 -7.45 -1.58 12.06
C LYS A 214 -7.43 -3.09 11.94
N ASN A 215 -6.35 -3.72 12.38
CA ASN A 215 -6.25 -5.16 12.26
C ASN A 215 -6.35 -5.60 10.82
N CYS A 216 -5.71 -4.86 9.94
CA CYS A 216 -5.72 -5.18 8.54
C CYS A 216 -4.35 -5.63 8.09
N VAL A 217 -4.26 -6.82 7.52
CA VAL A 217 -2.99 -7.32 7.04
C VAL A 217 -2.95 -7.21 5.53
N HIS A 218 -2.02 -6.41 5.02
CA HIS A 218 -1.91 -6.21 3.59
C HIS A 218 -1.56 -7.45 2.78
N ARG A 219 -0.56 -8.18 3.22
CA ARG A 219 -0.15 -9.43 2.59
C ARG A 219 0.68 -9.26 1.35
N ASP A 220 0.72 -8.05 0.81
CA ASP A 220 1.52 -7.83 -0.38
C ASP A 220 2.07 -6.43 -0.39
N LEU A 221 2.81 -6.09 0.65
CA LEU A 221 3.37 -4.78 0.73
C LEU A 221 4.61 -4.77 -0.10
N ALA A 222 4.71 -3.82 -1.00
CA ALA A 222 5.91 -3.73 -1.81
C ALA A 222 5.86 -2.41 -2.55
N ALA A 223 6.85 -2.20 -3.43
CA ALA A 223 6.99 -0.88 -4.01
C ALA A 223 5.97 -0.66 -5.10
N ARG A 224 5.73 -1.69 -5.93
CA ARG A 224 4.71 -1.61 -6.96
C ARG A 224 3.36 -1.22 -6.42
N ASN A 225 3.09 -1.53 -5.15
CA ASN A 225 1.84 -1.18 -4.46
C ASN A 225 2.02 -0.01 -3.50
N VAL A 226 3.11 0.75 -3.59
CA VAL A 226 3.23 2.06 -2.93
C VAL A 226 3.09 3.11 -4.02
N LEU A 227 2.14 4.01 -3.87
CA LEU A 227 1.92 4.96 -4.92
C LEU A 227 2.28 6.34 -4.39
N LEU A 228 2.64 7.25 -5.30
CA LEU A 228 3.12 8.59 -4.95
C LEU A 228 2.17 9.65 -5.53
N ALA A 229 1.39 10.30 -4.69
CA ALA A 229 0.36 11.20 -5.19
C ALA A 229 0.92 12.60 -5.44
N GLN A 230 0.00 13.52 -5.75
CA GLN A 230 0.34 14.93 -5.80
C GLN A 230 0.74 15.39 -4.39
N GLY A 231 1.80 16.19 -4.33
CA GLY A 231 2.41 16.55 -3.07
C GLY A 231 3.46 15.57 -2.59
N LYS A 232 3.86 14.62 -3.44
CA LYS A 232 4.71 13.50 -3.03
C LYS A 232 4.22 12.85 -1.74
N ILE A 233 2.91 12.58 -1.70
CA ILE A 233 2.32 11.85 -0.60
C ILE A 233 2.20 10.43 -1.07
N VAL A 234 2.78 9.50 -0.32
CA VAL A 234 2.74 8.10 -0.70
C VAL A 234 1.49 7.44 -0.20
N LYS A 235 0.81 6.74 -1.09
CA LYS A 235 -0.39 6.05 -0.72
C LYS A 235 -0.29 4.59 -1.07
N ILE A 236 -0.55 3.76 -0.08
CA ILE A 236 -0.53 2.32 -0.22
C ILE A 236 -1.86 1.85 -0.75
N CYS A 237 -1.89 0.68 -1.38
CA CYS A 237 -3.15 0.20 -1.90
C CYS A 237 -3.25 -1.29 -1.91
N ASP A 238 -4.39 -1.78 -2.37
CA ASP A 238 -4.60 -3.19 -2.42
C ASP A 238 -4.48 -3.76 -1.03
N PHE A 239 -5.01 -3.04 -0.04
CA PHE A 239 -5.02 -3.57 1.31
C PHE A 239 -6.30 -4.35 1.55
N GLY A 240 -7.15 -4.40 0.54
CA GLY A 240 -8.48 -4.99 0.64
C GLY A 240 -8.63 -6.29 -0.11
N LEU A 241 -9.30 -7.24 0.52
CA LEU A 241 -9.55 -8.52 -0.12
C LEU A 241 -10.07 -8.32 -1.53
N THR A 257 -2.79 -20.05 -6.86
CA THR A 257 -2.30 -18.79 -6.33
C THR A 257 -0.82 -18.61 -6.60
N PHE A 258 -0.45 -17.38 -6.94
CA PHE A 258 0.93 -17.00 -7.15
C PHE A 258 1.30 -15.97 -6.11
N LEU A 259 2.43 -16.17 -5.44
CA LEU A 259 2.74 -15.42 -4.24
C LEU A 259 4.02 -14.59 -4.31
N PRO A 260 4.02 -13.40 -3.74
CA PRO A 260 5.21 -12.55 -3.91
C PRO A 260 6.28 -13.07 -2.96
N VAL A 261 6.94 -14.12 -3.39
CA VAL A 261 7.88 -14.84 -2.56
C VAL A 261 9.04 -14.05 -2.05
N LYS A 262 9.61 -13.19 -2.86
CA LYS A 262 10.73 -12.42 -2.41
C LYS A 262 10.36 -11.53 -1.25
N TRP A 263 9.10 -11.09 -1.19
CA TRP A 263 8.63 -10.21 -0.12
C TRP A 263 7.95 -10.84 1.11
N MET A 264 7.75 -12.15 1.13
CA MET A 264 7.06 -12.81 2.25
C MET A 264 7.90 -13.28 3.44
N ALA A 265 7.40 -13.12 4.67
CA ALA A 265 8.14 -13.61 5.82
C ALA A 265 8.22 -15.14 5.78
N PRO A 266 9.25 -15.73 6.40
CA PRO A 266 9.34 -17.21 6.40
C PRO A 266 8.08 -17.92 6.83
N GLU A 267 7.59 -17.65 8.05
CA GLU A 267 6.29 -18.18 8.49
C GLU A 267 5.23 -18.05 7.41
N SER A 268 5.31 -17.01 6.58
CA SER A 268 4.33 -16.86 5.52
C SER A 268 4.58 -17.83 4.39
N ILE A 269 5.80 -18.29 4.20
CA ILE A 269 6.00 -19.26 3.14
C ILE A 269 5.90 -20.67 3.67
N PHE A 270 6.69 -20.97 4.68
CA PHE A 270 6.65 -22.28 5.32
C PHE A 270 5.40 -22.59 6.13
N ASP A 271 4.94 -21.61 6.90
CA ASP A 271 3.87 -21.83 7.87
C ASP A 271 2.49 -21.31 7.49
N ASN A 272 2.40 -20.59 6.38
CA ASN A 272 1.14 -20.05 5.93
C ASN A 272 0.57 -19.06 6.95
N LEU A 273 1.45 -18.39 7.68
CA LEU A 273 1.02 -17.48 8.71
C LEU A 273 1.17 -16.07 8.20
N TYR A 274 0.06 -15.38 8.07
CA TYR A 274 0.09 -14.00 7.67
C TYR A 274 -0.38 -13.18 8.83
N THR A 275 0.43 -12.20 9.17
CA THR A 275 0.17 -11.35 10.32
C THR A 275 0.70 -9.95 10.05
N THR A 276 0.47 -9.07 11.02
CA THR A 276 1.10 -7.76 11.02
C THR A 276 2.60 -7.87 11.14
N LEU A 277 3.10 -8.88 11.86
CA LEU A 277 4.55 -9.00 12.04
C LEU A 277 5.23 -9.47 10.78
N SER A 278 4.49 -10.12 9.88
CA SER A 278 5.07 -10.51 8.60
C SER A 278 4.95 -9.40 7.56
N ASP A 279 4.06 -8.43 7.78
CA ASP A 279 4.09 -7.27 6.92
C ASP A 279 5.29 -6.39 7.22
N VAL A 280 5.82 -6.47 8.44
CA VAL A 280 7.02 -5.71 8.78
C VAL A 280 8.21 -6.22 7.98
N TRP A 281 8.30 -7.54 7.81
CA TRP A 281 9.25 -8.17 6.90
C TRP A 281 9.17 -7.58 5.49
N SER A 282 7.98 -7.64 4.90
CA SER A 282 7.77 -7.10 3.58
C SER A 282 8.20 -5.64 3.55
N TYR A 283 7.94 -4.91 4.62
CA TYR A 283 8.38 -3.52 4.73
C TYR A 283 9.90 -3.40 4.71
N GLY A 284 10.60 -4.27 5.43
CA GLY A 284 12.04 -4.27 5.35
C GLY A 284 12.53 -4.61 3.96
N ILE A 285 11.74 -5.39 3.21
CA ILE A 285 12.09 -5.63 1.81
C ILE A 285 11.79 -4.40 0.98
N LEU A 286 10.75 -3.64 1.37
CA LEU A 286 10.39 -2.45 0.63
C LEU A 286 11.49 -1.40 0.71
N LEU A 287 12.15 -1.30 1.85
CA LEU A 287 13.21 -0.30 2.02
C LEU A 287 14.41 -0.64 1.15
N TRP A 288 14.82 -1.91 1.15
CA TRP A 288 15.82 -2.34 0.19
C TRP A 288 15.42 -1.95 -1.23
N GLU A 289 14.12 -2.05 -1.57
CA GLU A 289 13.66 -1.62 -2.88
C GLU A 289 13.90 -0.13 -3.06
N ILE A 290 13.52 0.65 -2.05
CA ILE A 290 13.66 2.09 -2.13
C ILE A 290 15.12 2.45 -2.31
N PHE A 291 15.92 2.12 -1.32
CA PHE A 291 17.28 2.64 -1.22
C PHE A 291 18.25 2.07 -2.22
N SER A 292 17.94 0.97 -2.88
CA SER A 292 18.71 0.64 -4.06
C SER A 292 18.07 1.24 -5.29
N LEU A 293 17.28 2.30 -5.10
CA LEU A 293 16.60 3.03 -6.18
C LEU A 293 15.95 2.07 -7.16
N GLY A 294 15.10 1.20 -6.63
CA GLY A 294 14.30 0.30 -7.45
C GLY A 294 15.00 -0.97 -7.86
N GLY A 295 15.60 -1.70 -6.94
CA GLY A 295 16.31 -2.90 -7.30
C GLY A 295 15.50 -4.14 -7.01
N THR A 296 15.55 -5.11 -7.91
CA THR A 296 14.84 -6.36 -7.69
C THR A 296 15.39 -7.02 -6.44
N PRO A 297 14.52 -7.42 -5.52
CA PRO A 297 14.99 -8.18 -4.35
C PRO A 297 15.77 -9.43 -4.76
N TYR A 298 16.77 -9.80 -3.97
CA TYR A 298 17.52 -11.02 -4.22
C TYR A 298 17.94 -11.12 -5.66
N PRO A 299 18.64 -10.02 -6.14
CA PRO A 299 18.98 -10.08 -7.57
C PRO A 299 19.93 -11.19 -7.94
N GLY A 300 19.64 -11.80 -9.08
CA GLY A 300 20.44 -12.87 -9.61
C GLY A 300 20.10 -14.17 -8.94
N MET A 301 19.14 -14.13 -8.03
CA MET A 301 18.75 -15.33 -7.34
C MET A 301 17.37 -15.70 -7.78
N MET A 302 17.19 -16.90 -8.30
CA MET A 302 15.89 -17.33 -8.75
C MET A 302 15.25 -18.16 -7.68
N VAL A 303 13.98 -17.93 -7.40
CA VAL A 303 13.32 -18.71 -6.38
C VAL A 303 13.31 -20.16 -6.82
N ASP A 304 13.78 -21.03 -5.96
CA ASP A 304 13.85 -22.45 -6.22
C ASP A 304 14.18 -23.12 -4.90
N SER A 305 14.50 -24.40 -4.92
CA SER A 305 14.77 -25.11 -3.68
C SER A 305 15.90 -24.49 -2.90
N THR A 306 16.97 -24.10 -3.56
CA THR A 306 18.09 -23.50 -2.84
C THR A 306 17.68 -22.19 -2.20
N PHE A 307 16.84 -21.42 -2.86
CA PHE A 307 16.43 -20.15 -2.31
C PHE A 307 15.74 -20.34 -0.97
N TYR A 308 14.85 -21.33 -0.89
CA TYR A 308 14.19 -21.62 0.38
C TYR A 308 15.19 -22.11 1.41
N ASN A 309 16.04 -23.08 1.04
CA ASN A 309 17.08 -23.53 1.96
C ASN A 309 17.94 -22.37 2.44
N LYS A 310 18.05 -21.30 1.67
CA LYS A 310 18.85 -20.18 2.14
C LYS A 310 18.10 -19.39 3.21
N ILE A 311 16.87 -19.04 2.91
CA ILE A 311 16.08 -18.18 3.77
C ILE A 311 15.83 -18.81 5.12
N LYS A 312 15.58 -20.11 5.13
CA LYS A 312 15.34 -20.83 6.37
C LYS A 312 16.59 -20.79 7.23
N SER A 313 17.73 -20.89 6.57
CA SER A 313 19.01 -20.88 7.25
C SER A 313 19.35 -19.50 7.80
N GLY A 314 18.60 -18.48 7.39
CA GLY A 314 18.86 -17.14 7.86
C GLY A 314 19.53 -16.16 6.92
N TYR A 315 19.61 -16.48 5.64
CA TYR A 315 20.23 -15.58 4.70
C TYR A 315 19.46 -14.27 4.56
N ARG A 316 20.18 -13.17 4.46
CA ARG A 316 19.55 -11.86 4.31
C ARG A 316 20.32 -11.01 3.33
N MET A 317 19.63 -10.13 2.63
CA MET A 317 20.27 -9.26 1.65
C MET A 317 21.23 -8.27 2.28
N ALA A 318 22.32 -8.00 1.58
CA ALA A 318 23.32 -7.05 2.06
C ALA A 318 22.78 -5.63 2.04
N LYS A 319 23.60 -4.69 2.46
CA LYS A 319 23.17 -3.31 2.46
C LYS A 319 22.99 -2.80 1.04
N PRO A 320 21.90 -1.96 0.85
CA PRO A 320 21.77 -1.43 -0.50
C PRO A 320 22.80 -0.33 -0.63
N ASP A 321 23.16 0.06 -1.85
CA ASP A 321 24.17 1.08 -2.05
C ASP A 321 23.87 2.43 -1.46
N HIS A 322 22.64 2.88 -1.58
CA HIS A 322 22.27 4.21 -1.10
C HIS A 322 21.67 4.28 0.28
N ALA A 323 21.70 3.20 1.02
CA ALA A 323 21.11 3.19 2.35
C ALA A 323 22.10 3.43 3.45
N THR A 324 21.79 4.39 4.32
CA THR A 324 22.62 4.72 5.47
C THR A 324 22.67 3.59 6.47
N SER A 325 23.78 3.51 7.18
CA SER A 325 23.99 2.47 8.13
C SER A 325 22.77 2.45 9.02
N GLU A 326 22.25 3.63 9.31
CA GLU A 326 21.12 3.71 10.19
C GLU A 326 19.91 2.96 9.65
N VAL A 327 19.58 3.16 8.39
CA VAL A 327 18.44 2.47 7.79
C VAL A 327 18.61 0.97 7.68
N TYR A 328 19.80 0.55 7.29
CA TYR A 328 20.04 -0.86 7.09
C TYR A 328 19.73 -1.56 8.37
N GLU A 329 20.04 -0.91 9.47
CA GLU A 329 19.77 -1.49 10.77
C GLU A 329 18.29 -1.71 10.82
N ILE A 330 17.54 -0.78 10.24
CA ILE A 330 16.10 -0.89 10.24
C ILE A 330 15.62 -2.10 9.47
N MET A 331 16.22 -2.38 8.32
CA MET A 331 15.82 -3.57 7.58
C MET A 331 16.12 -4.82 8.36
N VAL A 332 17.37 -4.94 8.82
CA VAL A 332 17.87 -6.11 9.52
C VAL A 332 16.99 -6.44 10.72
N LYS A 333 16.53 -5.42 11.43
CA LYS A 333 15.52 -5.64 12.46
C LYS A 333 14.25 -6.25 11.89
N CYS A 334 13.78 -5.74 10.74
CA CYS A 334 12.56 -6.25 10.12
C CYS A 334 12.68 -7.71 9.68
N TRP A 335 13.89 -8.25 9.59
CA TRP A 335 14.12 -9.59 9.06
C TRP A 335 14.56 -10.57 10.14
N ASN A 336 14.28 -10.25 11.40
CA ASN A 336 14.47 -11.23 12.44
C ASN A 336 13.71 -12.49 12.06
N SER A 337 14.38 -13.64 12.17
CA SER A 337 13.70 -14.90 11.99
C SER A 337 12.51 -15.02 12.92
N GLU A 338 12.61 -14.53 14.17
CA GLU A 338 11.49 -14.57 15.12
C GLU A 338 10.56 -13.39 14.89
N PRO A 339 9.25 -13.60 14.61
CA PRO A 339 8.34 -12.48 14.40
C PRO A 339 8.21 -11.54 15.60
N GLU A 340 8.14 -12.10 16.79
CA GLU A 340 7.96 -11.27 17.97
C GLU A 340 9.06 -10.25 18.06
N LYS A 341 10.24 -10.63 17.63
CA LYS A 341 11.38 -9.73 17.63
C LYS A 341 11.28 -8.53 16.68
N ARG A 342 10.52 -8.66 15.60
CA ARG A 342 10.37 -7.57 14.63
C ARG A 342 9.67 -6.36 15.25
N PRO A 343 10.07 -5.16 14.85
CA PRO A 343 9.52 -3.94 15.46
C PRO A 343 8.08 -3.68 15.01
N SER A 344 7.35 -2.91 15.81
CA SER A 344 6.01 -2.53 15.39
C SER A 344 6.14 -1.46 14.32
N PHE A 345 5.08 -1.28 13.52
CA PHE A 345 5.07 -0.13 12.61
C PHE A 345 5.16 1.15 13.41
N TYR A 346 4.44 1.19 14.52
CA TYR A 346 4.44 2.38 15.35
C TYR A 346 5.85 2.62 15.78
N HIS A 347 6.54 1.54 16.13
CA HIS A 347 7.93 1.66 16.47
C HIS A 347 8.73 2.14 15.26
N LEU A 348 8.44 1.62 14.08
CA LEU A 348 9.21 1.99 12.91
C LEU A 348 9.05 3.46 12.52
N SER A 349 7.83 3.97 12.53
CA SER A 349 7.59 5.40 12.37
C SER A 349 8.54 6.19 13.24
N GLU A 350 8.71 5.77 14.49
CA GLU A 350 9.53 6.51 15.44
C GLU A 350 10.99 6.46 15.04
N ILE A 351 11.49 5.28 14.71
CA ILE A 351 12.88 5.18 14.31
C ILE A 351 13.13 6.04 13.09
N VAL A 352 12.17 6.09 12.17
CA VAL A 352 12.43 6.84 10.96
C VAL A 352 12.23 8.33 11.23
N GLU A 353 11.39 8.69 12.21
CA GLU A 353 11.19 10.11 12.50
C GLU A 353 12.47 10.77 12.99
N ASN A 354 13.27 10.06 13.77
CA ASN A 354 14.52 10.62 14.27
C ASN A 354 15.61 10.56 13.23
N LEU A 355 15.32 10.06 12.04
CA LEU A 355 16.24 10.17 10.92
C LEU A 355 15.92 11.35 10.00
N LEU A 356 15.01 12.23 10.42
CA LEU A 356 14.38 13.21 9.57
C LEU A 356 14.35 14.55 10.28
N PRO A 357 14.63 15.64 9.55
CA PRO A 357 14.55 16.97 10.17
C PRO A 357 13.23 17.19 10.90
N GLY A 358 13.30 17.93 12.00
CA GLY A 358 12.10 18.26 12.75
C GLY A 358 11.06 18.94 11.88
N GLN A 359 11.48 19.75 10.92
CA GLN A 359 10.52 20.49 10.09
C GLN A 359 9.70 19.55 9.21
N TYR A 360 10.24 18.39 8.86
CA TYR A 360 9.45 17.43 8.08
C TYR A 360 8.30 16.90 8.90
N LYS A 361 8.54 16.61 10.19
CA LYS A 361 7.44 16.15 11.05
C LYS A 361 6.38 17.23 11.17
N LYS A 362 6.79 18.50 11.27
CA LYS A 362 5.84 19.62 11.19
C LYS A 362 5.10 19.62 9.85
N SER A 363 5.83 19.61 8.74
CA SER A 363 5.22 19.51 7.42
C SER A 363 4.20 18.37 7.34
N TYR A 364 4.53 17.22 7.94
CA TYR A 364 3.65 16.05 7.82
C TYR A 364 2.35 16.23 8.62
N GLU A 365 2.41 16.87 9.78
CA GLU A 365 1.20 17.02 10.58
C GLU A 365 0.24 18.02 9.96
N LYS A 366 0.78 19.09 9.40
CA LYS A 366 -0.06 20.09 8.77
C LYS A 366 -0.77 19.46 7.58
N ILE A 367 -0.03 18.66 6.82
CA ILE A 367 -0.61 17.94 5.71
C ILE A 367 -1.63 16.94 6.21
N HIS A 368 -1.34 16.31 7.33
CA HIS A 368 -2.27 15.36 7.89
C HIS A 368 -3.57 16.01 8.30
N LEU A 369 -3.50 17.18 8.92
CA LEU A 369 -4.72 17.86 9.31
C LEU A 369 -5.51 18.24 8.08
N ASP A 370 -4.81 18.76 7.08
CA ASP A 370 -5.47 19.32 5.92
C ASP A 370 -6.26 18.24 5.22
N PHE A 371 -5.67 17.06 5.14
CA PHE A 371 -6.35 15.93 4.50
C PHE A 371 -7.67 15.63 5.20
N LEU A 372 -7.62 15.46 6.52
CA LEU A 372 -8.83 15.20 7.28
C LEU A 372 -9.87 16.28 7.05
N LYS A 373 -9.41 17.50 6.71
CA LYS A 373 -10.29 18.64 6.51
C LYS A 373 -10.81 18.74 5.06
N SER A 374 -10.20 18.02 4.12
CA SER A 374 -10.72 17.99 2.74
C SER A 374 -12.17 17.52 2.72
N ASP A 375 -12.99 18.20 1.92
CA ASP A 375 -14.43 17.94 1.84
C ASP A 375 -15.14 18.24 3.16
C1 6T2 B . -4.20 5.33 -8.51
C2 6T2 B . -4.10 3.01 -8.45
C3 6T2 B . -5.23 2.93 -7.67
C4 6T2 B . -5.62 1.72 -7.17
C5 6T2 B . -0.70 6.79 -13.40
C6 6T2 B . -4.86 0.62 -7.47
C7 6T2 B . -3.72 0.73 -8.25
C9 6T2 B . -2.81 4.40 -9.82
C10 6T2 B . -2.71 5.70 -10.00
C11 6T2 B . -2.97 -0.40 -8.54
C12 6T2 B . -1.86 6.21 -10.86
C13 6T2 B . -1.05 5.38 -11.61
C14 6T2 B . -3.39 -1.63 -8.02
C15 6T2 B . -4.52 -1.73 -7.25
C30 6T2 B . -0.96 0.79 -9.17
C40 6T2 B . -0.25 1.08 -10.44
C50 6T2 B . 0.39 -0.17 -10.92
N80 6T2 B . 1.19 -0.78 -9.86
C60 6T2 B . -0.71 -1.08 -11.34
C70 6T2 B . -1.50 -1.50 -10.14
N4 6T2 B . -1.86 -0.37 -9.27
N3 6T2 B . -3.39 1.93 -8.72
C16 6T2 B . -5.26 -0.60 -6.97
N1 6T2 B . -3.72 4.17 -8.91
N2 6T2 B . -3.57 6.27 -9.18
C19 6T2 B . -2.07 3.54 -10.51
C18 6T2 B . -1.16 4.02 -11.42
O1 6T2 B . -0.15 5.84 -12.51
C23 6T2 B . 0.36 7.12 -14.45
C27 6T2 B . -0.23 7.84 -15.68
C24 6T2 B . 1.52 7.87 -13.87
O2 6T2 B . 2.27 7.19 -14.91
C26 6T2 B . 1.37 6.08 -14.73
#